data_4NVG
#
_entry.id   4NVG
#
_cell.length_a   50.650
_cell.length_b   70.390
_cell.length_c   101.940
_cell.angle_alpha   90.000
_cell.angle_beta   90.000
_cell.angle_gamma   90.000
#
_symmetry.space_group_name_H-M   'P 21 21 21'
#
loop_
_entity.id
_entity.type
_entity.pdbx_description
1 polymer 'Cytochrome c peroxidase'
2 non-polymer 'PROTOPORPHYRIN IX CONTAINING FE'
3 non-polymer 'ethyl 4-aminoquinoline-3-carboxylate'
4 non-polymer 'PHOSPHATE ION'
5 non-polymer '2-(N-MORPHOLINO)-ETHANESULFONIC ACID'
6 water water
#
_entity_poly.entity_id   1
_entity_poly.type   'polypeptide(L)'
_entity_poly.pdbx_seq_one_letter_code
;LVHVASVEKGRSYEDFQKVYNAIALKLREDDEYDNYIGYGPVLVRLAWHISGTWDKHDNTGGSYGGTYRFKKEFNDPSNA
GLQNGFKFLEPIHKEFPWISSGDLFSLGGVTAVQEMQGPKIPWRCGRVDTPEDTTPDNGRLPDADKDAGYVRTFFQRLNM
NDREVVALMGAHALGKTHLKNSGYEGGGANNVFTNEFYLNLLNEDWKLEKNDANNEQWDSKSGYMMLPTDYSLIQDPKYL
SIVKEYANDQDKFFKDFSKAFEKLLENGITFPKDAPSPFIFKTLEEQGL
;
_entity_poly.pdbx_strand_id   B
#
loop_
_chem_comp.id
_chem_comp.type
_chem_comp.name
_chem_comp.formula
2N9 non-polymer 'ethyl 4-aminoquinoline-3-carboxylate' 'C12 H12 N2 O2'
HEM non-polymer 'PROTOPORPHYRIN IX CONTAINING FE' 'C34 H32 Fe N4 O4'
MES non-polymer '2-(N-MORPHOLINO)-ETHANESULFONIC ACID' 'C6 H13 N O4 S'
PO4 non-polymer 'PHOSPHATE ION' 'O4 P -3'
#
# COMPACT_ATOMS: atom_id res chain seq x y z
N LEU A 1 -0.17 -22.61 13.79
CA LEU A 1 -0.46 -22.11 12.40
C LEU A 1 0.84 -21.63 11.76
N VAL A 2 1.37 -22.44 10.84
CA VAL A 2 2.57 -22.08 10.12
C VAL A 2 2.15 -22.00 8.65
N HIS A 3 2.53 -20.91 7.99
CA HIS A 3 2.35 -20.78 6.56
C HIS A 3 3.70 -20.85 5.94
N VAL A 4 4.08 -22.01 5.42
CA VAL A 4 5.41 -22.20 4.88
C VAL A 4 5.41 -21.80 3.42
N ALA A 5 6.38 -20.96 3.05
CA ALA A 5 6.56 -20.54 1.65
C ALA A 5 6.97 -21.72 0.80
N SER A 6 6.32 -21.85 -0.34
CA SER A 6 6.64 -22.92 -1.28
C SER A 6 6.68 -22.38 -2.69
N VAL A 7 7.85 -22.43 -3.29
CA VAL A 7 8.08 -21.79 -4.56
C VAL A 7 7.22 -22.50 -5.61
N GLU A 8 6.47 -21.71 -6.37
CA GLU A 8 5.74 -22.25 -7.51
C GLU A 8 6.65 -23.15 -8.35
N LYS A 9 6.17 -24.36 -8.61
CA LYS A 9 7.05 -25.42 -9.15
C LYS A 9 7.74 -25.05 -10.44
N GLY A 10 9.06 -25.11 -10.42
CA GLY A 10 9.91 -24.88 -11.58
C GLY A 10 10.10 -23.42 -11.95
N ARG A 11 9.72 -22.49 -11.07
CA ARG A 11 9.81 -21.07 -11.42
C ARG A 11 11.09 -20.49 -10.89
N SER A 12 11.63 -19.50 -11.59
CA SER A 12 12.84 -18.83 -11.11
C SER A 12 12.69 -17.31 -11.28
N TYR A 13 13.77 -16.56 -10.98
N TYR A 13 13.77 -16.58 -10.98
CA TYR A 13 13.74 -15.10 -11.05
CA TYR A 13 13.77 -15.12 -11.01
C TYR A 13 13.14 -14.58 -12.32
C TYR A 13 13.19 -14.55 -12.31
N GLU A 14 13.60 -15.11 -13.45
CA GLU A 14 13.18 -14.60 -14.76
C GLU A 14 11.67 -14.72 -14.95
N ASP A 15 11.09 -15.81 -14.48
CA ASP A 15 9.64 -16.00 -14.52
C ASP A 15 8.92 -14.83 -13.82
N PHE A 16 9.34 -14.55 -12.59
CA PHE A 16 8.75 -13.46 -11.83
C PHE A 16 9.06 -12.08 -12.43
N GLN A 17 10.27 -11.90 -12.98
CA GLN A 17 10.53 -10.64 -13.69
C GLN A 17 9.51 -10.44 -14.85
N LYS A 18 9.15 -11.51 -15.55
CA LYS A 18 8.18 -11.39 -16.63
C LYS A 18 6.83 -10.92 -16.12
N VAL A 19 6.44 -11.36 -14.91
CA VAL A 19 5.15 -10.99 -14.33
C VAL A 19 5.23 -9.51 -13.91
N TYR A 20 6.39 -9.16 -13.33
CA TYR A 20 6.70 -7.78 -12.98
C TYR A 20 6.53 -6.89 -14.23
N ASN A 21 7.11 -7.33 -15.34
CA ASN A 21 7.13 -6.53 -16.55
C ASN A 21 5.72 -6.36 -17.11
N ALA A 22 4.93 -7.43 -17.06
CA ALA A 22 3.54 -7.37 -17.52
C ALA A 22 2.73 -6.32 -16.73
N ILE A 23 2.85 -6.37 -15.41
CA ILE A 23 2.21 -5.40 -14.53
C ILE A 23 2.67 -3.98 -14.88
N ALA A 24 3.95 -3.80 -15.03
CA ALA A 24 4.52 -2.50 -15.27
C ALA A 24 4.06 -1.97 -16.63
N LEU A 25 4.02 -2.83 -17.64
CA LEU A 25 3.62 -2.39 -18.98
C LEU A 25 2.15 -2.00 -18.93
N LYS A 26 1.36 -2.73 -18.17
CA LYS A 26 -0.07 -2.39 -18.07
C LYS A 26 -0.26 -1.10 -17.27
N LEU A 27 0.63 -0.86 -16.29
CA LEU A 27 0.61 0.42 -15.55
C LEU A 27 0.89 1.59 -16.48
N ARG A 28 1.79 1.37 -17.42
CA ARG A 28 2.13 2.40 -18.40
C ARG A 28 0.96 2.70 -19.35
N GLU A 29 0.39 1.62 -19.90
N GLU A 29 0.32 1.65 -19.87
CA GLU A 29 -0.67 1.68 -20.92
CA GLU A 29 -0.64 1.84 -20.94
C GLU A 29 -1.99 2.22 -20.38
C GLU A 29 -2.11 2.04 -20.50
N ASP A 30 -2.45 1.65 -19.25
CA ASP A 30 -3.78 1.97 -18.66
C ASP A 30 -3.65 3.22 -17.79
N ASP A 31 -3.13 4.29 -18.39
CA ASP A 31 -2.76 5.52 -17.68
C ASP A 31 -3.88 6.51 -17.38
N GLU A 32 -5.07 6.25 -17.95
N GLU A 32 -5.07 6.27 -17.94
CA GLU A 32 -6.21 7.13 -17.82
CA GLU A 32 -6.19 7.20 -17.79
C GLU A 32 -6.88 7.04 -16.46
C GLU A 32 -6.98 7.01 -16.50
N TYR A 33 -6.81 5.85 -15.87
CA TYR A 33 -7.49 5.55 -14.62
C TYR A 33 -7.43 6.65 -13.55
N ASP A 34 -8.58 6.94 -12.96
CA ASP A 34 -8.73 7.87 -11.83
C ASP A 34 -8.18 9.25 -12.18
N ASN A 35 -8.65 9.81 -13.31
N ASN A 35 -8.67 9.80 -13.30
CA ASN A 35 -8.20 11.10 -13.79
CA ASN A 35 -8.21 11.09 -13.82
C ASN A 35 -6.69 11.17 -14.01
C ASN A 35 -6.70 11.16 -14.01
N TYR A 36 -6.15 10.17 -14.71
CA TYR A 36 -4.72 10.10 -15.08
C TYR A 36 -3.77 9.90 -13.91
N ILE A 37 -4.26 9.44 -12.77
CA ILE A 37 -3.30 8.99 -11.70
C ILE A 37 -2.65 7.66 -12.14
N GLY A 38 -3.43 6.81 -12.78
CA GLY A 38 -2.98 5.48 -13.13
C GLY A 38 -3.18 4.55 -11.94
N TYR A 39 -2.93 3.27 -12.15
CA TYR A 39 -3.30 2.24 -11.18
C TYR A 39 -2.24 2.09 -10.06
N GLY A 40 -1.14 2.81 -10.17
CA GLY A 40 -0.02 2.57 -9.21
C GLY A 40 -0.47 2.66 -7.77
N PRO A 41 -1.06 3.82 -7.39
CA PRO A 41 -1.47 3.95 -5.99
C PRO A 41 -2.44 2.89 -5.51
N VAL A 42 -3.47 2.58 -6.30
CA VAL A 42 -4.44 1.58 -5.83
C VAL A 42 -3.81 0.17 -5.68
N LEU A 43 -2.84 -0.16 -6.53
CA LEU A 43 -2.10 -1.44 -6.41
C LEU A 43 -1.23 -1.50 -5.12
N VAL A 44 -0.60 -0.36 -4.77
CA VAL A 44 0.11 -0.22 -3.46
C VAL A 44 -0.88 -0.44 -2.31
N ARG A 45 -2.03 0.22 -2.38
CA ARG A 45 -3.05 0.08 -1.35
C ARG A 45 -3.54 -1.37 -1.22
N LEU A 46 -3.79 -2.01 -2.36
CA LEU A 46 -4.23 -3.40 -2.37
C LEU A 46 -3.20 -4.30 -1.65
N ALA A 47 -1.91 -4.13 -1.96
CA ALA A 47 -0.87 -4.94 -1.33
C ALA A 47 -0.87 -4.75 0.16
N TRP A 48 -1.02 -3.50 0.60
CA TRP A 48 -1.11 -3.20 2.01
C TRP A 48 -2.37 -3.82 2.67
N HIS A 49 -3.54 -3.69 2.02
CA HIS A 49 -4.74 -4.27 2.62
C HIS A 49 -4.76 -5.75 2.72
N ILE A 50 -4.22 -6.47 1.73
CA ILE A 50 -4.20 -7.92 1.81
C ILE A 50 -3.20 -8.37 2.86
N SER A 51 -2.21 -7.54 3.14
CA SER A 51 -1.20 -7.84 4.17
C SER A 51 -1.62 -7.43 5.56
N GLY A 52 -2.33 -6.31 5.66
CA GLY A 52 -2.75 -5.68 6.90
C GLY A 52 -3.82 -6.40 7.71
N THR A 53 -4.31 -7.53 7.20
CA THR A 53 -5.23 -8.42 7.94
C THR A 53 -4.48 -9.29 8.95
N TRP A 54 -3.16 -9.36 8.85
CA TRP A 54 -2.40 -10.23 9.70
C TRP A 54 -2.58 -9.94 11.19
N ASP A 55 -2.60 -10.99 12.00
CA ASP A 55 -2.57 -10.84 13.47
C ASP A 55 -1.41 -11.68 14.00
N LYS A 56 -0.43 -11.01 14.63
CA LYS A 56 0.77 -11.70 15.10
C LYS A 56 0.41 -12.73 16.20
N HIS A 57 -0.71 -12.52 16.87
CA HIS A 57 -1.05 -13.35 18.05
C HIS A 57 -1.43 -14.78 17.71
N ASP A 58 -2.04 -14.99 16.55
CA ASP A 58 -2.39 -16.34 16.11
C ASP A 58 -1.92 -16.66 14.70
N ASN A 59 -1.22 -15.71 14.08
CA ASN A 59 -0.69 -15.89 12.73
C ASN A 59 -1.74 -16.06 11.64
N THR A 60 -2.93 -15.54 11.86
CA THR A 60 -3.96 -15.56 10.84
C THR A 60 -3.85 -14.34 9.97
N GLY A 61 -4.41 -14.45 8.76
CA GLY A 61 -4.47 -13.36 7.81
C GLY A 61 -3.09 -13.07 7.21
N GLY A 62 -2.92 -11.85 6.74
CA GLY A 62 -1.77 -11.47 5.94
C GLY A 62 -1.81 -11.99 4.50
N SER A 63 -0.75 -11.76 3.75
CA SER A 63 -0.73 -11.97 2.32
C SER A 63 -0.68 -13.42 1.87
N TYR A 64 -0.26 -14.31 2.76
CA TYR A 64 0.12 -15.67 2.34
C TYR A 64 -0.97 -16.39 1.54
N GLY A 65 -2.19 -16.30 2.05
CA GLY A 65 -3.33 -17.09 1.57
C GLY A 65 -4.03 -16.60 0.32
N GLY A 66 -3.80 -15.35 -0.07
CA GLY A 66 -4.42 -14.75 -1.24
C GLY A 66 -5.94 -14.67 -1.11
N THR A 67 -6.42 -14.54 0.14
CA THR A 67 -7.86 -14.65 0.50
C THR A 67 -8.69 -13.44 0.10
N TYR A 68 -8.04 -12.33 -0.31
CA TYR A 68 -8.75 -11.24 -0.98
C TYR A 68 -9.58 -11.69 -2.21
N ARG A 69 -9.23 -12.83 -2.80
CA ARG A 69 -10.01 -13.32 -3.93
C ARG A 69 -11.41 -13.79 -3.49
N PHE A 70 -11.62 -13.94 -2.19
CA PHE A 70 -12.90 -14.43 -1.65
C PHE A 70 -13.84 -13.31 -1.25
N LYS A 71 -15.13 -13.58 -1.40
CA LYS A 71 -16.21 -12.62 -1.23
C LYS A 71 -16.15 -11.80 0.06
N LYS A 72 -15.93 -12.45 1.19
CA LYS A 72 -15.94 -11.77 2.50
C LYS A 72 -14.90 -10.66 2.57
N GLU A 73 -13.68 -10.94 2.11
CA GLU A 73 -12.60 -9.95 2.17
C GLU A 73 -12.69 -8.98 0.99
N PHE A 74 -12.94 -9.51 -0.20
CA PHE A 74 -13.24 -8.65 -1.34
C PHE A 74 -14.28 -7.55 -1.01
N ASN A 75 -15.31 -7.90 -0.24
CA ASN A 75 -16.40 -6.97 0.09
C ASN A 75 -16.27 -6.24 1.42
N ASP A 76 -15.15 -6.42 2.11
CA ASP A 76 -14.90 -5.68 3.35
C ASP A 76 -15.08 -4.20 3.02
N PRO A 77 -15.95 -3.49 3.78
CA PRO A 77 -16.05 -2.04 3.60
C PRO A 77 -14.68 -1.37 3.59
N SER A 78 -13.75 -1.84 4.42
CA SER A 78 -12.41 -1.27 4.47
C SER A 78 -11.66 -1.36 3.13
N ASN A 79 -12.09 -2.29 2.28
CA ASN A 79 -11.48 -2.49 0.97
C ASN A 79 -12.27 -1.81 -0.20
N ALA A 80 -13.17 -0.88 0.08
CA ALA A 80 -13.93 -0.22 -1.00
C ALA A 80 -13.02 0.54 -1.95
N GLY A 81 -13.07 0.17 -3.23
CA GLY A 81 -12.25 0.79 -4.27
C GLY A 81 -11.10 -0.10 -4.74
N LEU A 82 -10.69 -1.04 -3.88
CA LEU A 82 -9.67 -2.03 -4.22
C LEU A 82 -10.06 -2.97 -5.37
N GLN A 83 -11.37 -3.12 -5.62
N GLN A 83 -11.37 -3.11 -5.63
CA GLN A 83 -11.85 -3.89 -6.74
CA GLN A 83 -11.84 -3.91 -6.75
C GLN A 83 -11.22 -3.44 -8.05
C GLN A 83 -11.23 -3.44 -8.07
N ASN A 84 -10.84 -2.17 -8.14
CA ASN A 84 -10.16 -1.64 -9.33
C ASN A 84 -8.76 -2.24 -9.57
N GLY A 85 -8.03 -2.42 -8.46
CA GLY A 85 -6.74 -3.11 -8.47
C GLY A 85 -6.85 -4.57 -8.85
N PHE A 86 -7.86 -5.24 -8.30
CA PHE A 86 -8.17 -6.62 -8.61
C PHE A 86 -8.44 -6.80 -10.09
N LYS A 87 -9.30 -5.94 -10.64
CA LYS A 87 -9.64 -6.00 -12.05
C LYS A 87 -8.40 -5.77 -12.92
N PHE A 88 -7.54 -4.87 -12.47
CA PHE A 88 -6.31 -4.60 -13.18
C PHE A 88 -5.43 -5.84 -13.24
N LEU A 89 -5.36 -6.57 -12.13
CA LEU A 89 -4.50 -7.74 -12.03
C LEU A 89 -5.07 -8.98 -12.70
N GLU A 90 -6.38 -9.00 -12.91
CA GLU A 90 -7.03 -10.20 -13.41
C GLU A 90 -6.47 -10.68 -14.76
N PRO A 91 -6.40 -9.81 -15.78
CA PRO A 91 -5.76 -10.28 -17.01
C PRO A 91 -4.31 -10.69 -16.83
N ILE A 92 -3.59 -10.04 -15.91
CA ILE A 92 -2.21 -10.42 -15.59
C ILE A 92 -2.21 -11.85 -15.07
N HIS A 93 -3.13 -12.19 -14.17
CA HIS A 93 -3.17 -13.55 -13.62
C HIS A 93 -3.48 -14.59 -14.73
N LYS A 94 -4.34 -14.22 -15.68
CA LYS A 94 -4.73 -15.13 -16.78
C LYS A 94 -3.55 -15.36 -17.71
N GLU A 95 -2.73 -14.33 -17.89
CA GLU A 95 -1.48 -14.46 -18.65
C GLU A 95 -0.42 -15.32 -17.96
N PHE A 96 -0.41 -15.32 -16.61
CA PHE A 96 0.57 -16.04 -15.77
C PHE A 96 -0.15 -16.77 -14.64
N PRO A 97 -0.93 -17.79 -15.00
CA PRO A 97 -1.80 -18.50 -14.05
C PRO A 97 -1.05 -19.32 -12.99
N TRP A 98 0.23 -19.56 -13.20
CA TRP A 98 1.05 -20.33 -12.28
C TRP A 98 1.36 -19.56 -10.96
N ILE A 99 1.31 -18.23 -11.02
CA ILE A 99 1.59 -17.44 -9.80
C ILE A 99 0.44 -17.51 -8.80
N SER A 100 0.77 -17.67 -7.53
CA SER A 100 -0.23 -17.65 -6.47
C SER A 100 -0.86 -16.27 -6.40
N SER A 101 -2.09 -16.23 -5.92
CA SER A 101 -2.79 -14.99 -5.71
C SER A 101 -2.06 -14.03 -4.75
N GLY A 102 -1.56 -14.56 -3.64
CA GLY A 102 -0.85 -13.69 -2.69
C GLY A 102 0.45 -13.15 -3.30
N ASP A 103 1.17 -14.00 -4.05
CA ASP A 103 2.39 -13.54 -4.74
C ASP A 103 1.99 -12.45 -5.75
N LEU A 104 0.93 -12.68 -6.52
CA LEU A 104 0.50 -11.66 -7.47
C LEU A 104 0.12 -10.34 -6.77
N PHE A 105 -0.72 -10.40 -5.72
CA PHE A 105 -1.18 -9.16 -5.07
C PHE A 105 0.00 -8.39 -4.48
N SER A 106 0.90 -9.08 -3.81
CA SER A 106 2.06 -8.43 -3.21
C SER A 106 3.03 -7.93 -4.26
N LEU A 107 3.30 -8.75 -5.29
CA LEU A 107 4.08 -8.29 -6.44
C LEU A 107 3.51 -7.06 -7.13
N GLY A 108 2.19 -6.92 -7.25
CA GLY A 108 1.70 -5.72 -7.85
C GLY A 108 2.07 -4.44 -7.07
N GLY A 109 2.09 -4.53 -5.75
CA GLY A 109 2.49 -3.41 -4.91
C GLY A 109 3.96 -3.08 -5.05
N VAL A 110 4.78 -4.12 -5.09
CA VAL A 110 6.21 -3.93 -5.34
C VAL A 110 6.46 -3.26 -6.71
N THR A 111 5.86 -3.82 -7.75
CA THR A 111 5.98 -3.24 -9.09
C THR A 111 5.49 -1.80 -9.12
N ALA A 112 4.36 -1.50 -8.52
CA ALA A 112 3.80 -0.15 -8.54
C ALA A 112 4.78 0.83 -7.89
N VAL A 113 5.31 0.45 -6.74
CA VAL A 113 6.23 1.33 -6.01
C VAL A 113 7.48 1.60 -6.85
N GLN A 114 8.05 0.58 -7.47
CA GLN A 114 9.28 0.76 -8.25
C GLN A 114 9.02 1.49 -9.54
N GLU A 115 7.87 1.22 -10.14
CA GLU A 115 7.53 1.87 -11.44
C GLU A 115 7.16 3.35 -11.25
N MET A 116 6.71 3.69 -10.04
CA MET A 116 6.47 5.10 -9.64
C MET A 116 7.75 5.79 -9.12
N GLN A 117 8.90 5.19 -9.40
CA GLN A 117 10.22 5.71 -9.08
C GLN A 117 10.56 5.64 -7.57
N GLY A 118 9.93 4.69 -6.89
CA GLY A 118 10.23 4.43 -5.51
C GLY A 118 11.46 3.60 -5.30
N PRO A 119 11.69 3.20 -4.04
CA PRO A 119 12.86 2.42 -3.74
C PRO A 119 12.64 1.01 -4.31
N LYS A 120 13.71 0.28 -4.52
CA LYS A 120 13.63 -1.16 -4.83
C LYS A 120 13.09 -1.84 -3.56
N ILE A 121 12.10 -2.72 -3.75
CA ILE A 121 11.55 -3.52 -2.67
C ILE A 121 11.91 -4.98 -2.91
N PRO A 122 12.87 -5.52 -2.14
CA PRO A 122 13.09 -6.95 -2.34
C PRO A 122 11.80 -7.75 -2.08
N TRP A 123 11.63 -8.82 -2.84
CA TRP A 123 10.43 -9.58 -2.80
C TRP A 123 10.69 -11.06 -2.91
N ARG A 124 10.03 -11.82 -2.05
CA ARG A 124 10.11 -13.27 -2.00
C ARG A 124 8.82 -13.91 -2.52
N CYS A 125 8.97 -14.96 -3.32
CA CYS A 125 7.85 -15.75 -3.77
C CYS A 125 7.50 -16.87 -2.76
N GLY A 126 6.39 -17.54 -3.01
CA GLY A 126 6.09 -18.77 -2.29
C GLY A 126 4.84 -18.72 -1.44
N ARG A 127 4.11 -17.63 -1.56
CA ARG A 127 2.78 -17.56 -0.96
C ARG A 127 1.92 -18.64 -1.64
N VAL A 128 1.03 -19.28 -0.87
CA VAL A 128 0.23 -20.41 -1.36
C VAL A 128 -1.26 -20.13 -1.07
N ASP A 129 -2.08 -20.27 -2.11
CA ASP A 129 -3.51 -20.04 -2.02
C ASP A 129 -4.10 -21.06 -1.03
N THR A 130 -4.82 -20.55 -0.04
CA THR A 130 -5.47 -21.37 1.01
C THR A 130 -7.00 -21.24 0.88
N PRO A 131 -7.76 -22.15 1.53
CA PRO A 131 -9.19 -22.19 1.22
C PRO A 131 -10.02 -21.07 1.84
N GLU A 132 -11.25 -20.93 1.35
CA GLU A 132 -12.14 -19.86 1.80
C GLU A 132 -12.24 -19.82 3.32
N ASP A 133 -12.29 -20.84 4.06
N ASP A 133 -12.28 -20.84 4.05
CA ASP A 133 -12.48 -20.78 5.52
CA ASP A 133 -12.45 -20.80 5.50
C ASP A 133 -11.23 -20.30 6.26
C ASP A 133 -11.30 -20.13 6.23
N THR A 134 -10.26 -19.78 5.54
CA THR A 134 -9.06 -19.13 6.05
C THR A 134 -9.12 -17.62 5.86
N THR A 135 -10.18 -17.16 5.21
CA THR A 135 -10.38 -15.75 4.94
C THR A 135 -10.67 -15.02 6.25
N PRO A 136 -9.92 -13.93 6.52
CA PRO A 136 -10.17 -13.26 7.79
C PRO A 136 -11.44 -12.44 7.77
N ASP A 137 -12.11 -12.38 8.92
CA ASP A 137 -13.30 -11.54 9.10
C ASP A 137 -12.96 -10.09 8.85
N ASN A 138 -13.97 -9.35 8.44
CA ASN A 138 -13.90 -7.90 8.27
C ASN A 138 -13.54 -7.25 9.61
N GLY A 139 -12.98 -6.05 9.56
CA GLY A 139 -12.69 -5.29 10.78
C GLY A 139 -11.24 -5.36 11.28
N ARG A 140 -10.34 -5.97 10.52
CA ARG A 140 -8.94 -6.08 10.91
C ARG A 140 -8.07 -4.93 10.42
N LEU A 141 -8.57 -4.16 9.46
CA LEU A 141 -7.84 -3.04 8.88
C LEU A 141 -8.20 -1.78 9.67
N PRO A 142 -7.35 -0.76 9.62
CA PRO A 142 -7.59 0.36 10.54
C PRO A 142 -8.56 1.45 10.10
N ASP A 143 -9.23 2.06 11.09
CA ASP A 143 -10.06 3.25 10.87
C ASP A 143 -9.13 4.46 10.75
N ALA A 144 -9.56 5.44 9.96
CA ALA A 144 -8.86 6.70 9.71
C ALA A 144 -9.25 7.85 10.64
N ASP A 145 -10.31 7.69 11.43
CA ASP A 145 -10.84 8.79 12.26
C ASP A 145 -10.20 8.84 13.66
N LYS A 146 -9.02 8.28 13.81
CA LYS A 146 -8.47 8.00 15.11
C LYS A 146 -7.16 8.74 15.33
N ASP A 147 -6.62 8.59 16.53
CA ASP A 147 -5.46 9.36 16.96
C ASP A 147 -4.20 8.49 17.01
N ALA A 148 -3.11 9.07 17.49
CA ALA A 148 -1.79 8.42 17.46
C ALA A 148 -1.73 7.15 18.31
N GLY A 149 -2.40 7.18 19.46
CA GLY A 149 -2.48 6.02 20.33
C GLY A 149 -3.12 4.83 19.62
N TYR A 150 -4.23 5.08 18.90
CA TYR A 150 -4.86 4.09 18.09
C TYR A 150 -3.95 3.54 17.00
N VAL A 151 -3.35 4.42 16.22
CA VAL A 151 -2.43 3.99 15.17
C VAL A 151 -1.32 3.09 15.76
N ARG A 152 -0.72 3.55 16.84
CA ARG A 152 0.40 2.84 17.49
C ARG A 152 -0.06 1.46 17.97
N THR A 153 -1.21 1.39 18.65
CA THR A 153 -1.72 0.11 19.14
C THR A 153 -2.09 -0.81 17.97
N PHE A 154 -2.79 -0.28 16.96
CA PHE A 154 -3.18 -1.05 15.78
C PHE A 154 -1.96 -1.74 15.18
N PHE A 155 -0.92 -0.94 14.93
CA PHE A 155 0.24 -1.45 14.22
C PHE A 155 1.05 -2.45 15.05
N GLN A 156 0.90 -2.43 16.36
CA GLN A 156 1.57 -3.45 17.17
C GLN A 156 1.05 -4.84 16.79
N ARG A 157 -0.22 -4.96 16.39
CA ARG A 157 -0.70 -6.23 15.87
C ARG A 157 -0.03 -6.79 14.63
N LEU A 158 0.55 -5.90 13.80
CA LEU A 158 1.34 -6.27 12.66
C LEU A 158 2.83 -6.27 12.98
N ASN A 159 3.17 -6.23 14.27
CA ASN A 159 4.58 -6.21 14.75
C ASN A 159 5.38 -5.05 14.13
N MET A 160 4.73 -3.90 13.96
CA MET A 160 5.41 -2.69 13.46
C MET A 160 5.67 -1.69 14.59
N ASN A 161 6.88 -1.11 14.60
CA ASN A 161 7.25 -0.09 15.58
C ASN A 161 7.06 1.31 15.05
N ASP A 162 7.32 2.33 15.86
CA ASP A 162 7.02 3.70 15.47
C ASP A 162 7.68 4.10 14.15
N ARG A 163 8.94 3.75 13.95
N ARG A 163 8.95 3.75 13.94
CA ARG A 163 9.65 4.09 12.71
CA ARG A 163 9.63 4.08 12.69
C ARG A 163 9.02 3.38 11.51
C ARG A 163 9.00 3.38 11.50
N GLU A 164 8.73 2.10 11.67
CA GLU A 164 8.09 1.31 10.63
C GLU A 164 6.72 1.90 10.23
N VAL A 165 5.96 2.31 11.23
CA VAL A 165 4.67 2.94 11.02
C VAL A 165 4.81 4.24 10.25
N VAL A 166 5.74 5.10 10.68
CA VAL A 166 5.88 6.40 10.05
C VAL A 166 6.35 6.22 8.60
N ALA A 167 7.32 5.33 8.42
CA ALA A 167 7.83 4.97 7.07
C ALA A 167 6.69 4.52 6.13
N LEU A 168 5.90 3.58 6.60
CA LEU A 168 4.78 2.98 5.80
C LEU A 168 3.74 4.01 5.41
N MET A 169 3.50 4.95 6.31
CA MET A 169 2.51 5.96 6.05
C MET A 169 2.93 6.93 4.96
N GLY A 170 4.23 7.00 4.63
CA GLY A 170 4.67 7.80 3.49
C GLY A 170 4.06 7.44 2.13
N ALA A 171 3.51 6.23 2.03
CA ALA A 171 2.73 5.81 0.88
C ALA A 171 1.55 6.71 0.65
N HIS A 172 1.17 7.51 1.65
CA HIS A 172 0.04 8.42 1.47
C HIS A 172 0.46 9.67 0.70
N ALA A 173 1.72 9.80 0.30
CA ALA A 173 1.99 10.73 -0.80
C ALA A 173 1.33 10.32 -2.13
N LEU A 174 0.96 9.04 -2.28
CA LEU A 174 0.43 8.52 -3.55
C LEU A 174 -1.10 8.65 -3.63
N GLY A 175 -1.62 8.90 -4.82
CA GLY A 175 -3.09 8.72 -5.05
C GLY A 175 -3.93 9.72 -4.28
N LYS A 176 -5.14 9.31 -3.93
N LYS A 176 -5.14 9.32 -3.91
CA LYS A 176 -6.08 10.22 -3.28
CA LYS A 176 -6.07 10.21 -3.24
C LYS A 176 -7.17 9.44 -2.57
C LYS A 176 -7.15 9.43 -2.53
N THR A 177 -7.94 10.17 -1.74
CA THR A 177 -9.12 9.61 -1.10
C THR A 177 -10.30 9.89 -2.06
N HIS A 178 -11.30 9.02 -1.99
CA HIS A 178 -12.50 9.13 -2.81
C HIS A 178 -13.70 9.06 -1.91
N LEU A 179 -14.51 10.11 -1.91
CA LEU A 179 -15.64 10.18 -0.99
C LEU A 179 -16.48 8.91 -0.98
N LYS A 180 -16.75 8.37 -2.17
CA LYS A 180 -17.62 7.21 -2.30
C LYS A 180 -16.98 5.93 -1.73
N ASN A 181 -15.66 5.92 -1.63
CA ASN A 181 -14.96 4.75 -1.12
C ASN A 181 -14.84 4.73 0.39
N SER A 182 -14.40 5.86 0.95
CA SER A 182 -13.94 5.90 2.33
C SER A 182 -14.59 7.00 3.18
N GLY A 183 -15.34 8.00 2.55
N GLY A 183 -15.41 7.91 2.56
N GLY A 183 -15.45 7.93 2.56
CA GLY A 183 -15.93 9.13 3.27
CA GLY A 183 -15.93 9.08 3.27
CA GLY A 183 -15.98 9.08 3.27
C GLY A 183 -14.97 10.26 3.52
C GLY A 183 -14.94 10.21 3.47
C GLY A 183 -15.00 10.23 3.47
N TYR A 184 -13.91 10.32 2.72
N TYR A 184 -13.86 10.24 2.67
N TYR A 184 -13.95 10.29 2.65
CA TYR A 184 -12.91 11.38 2.80
CA TYR A 184 -12.87 11.32 2.66
CA TYR A 184 -12.95 11.34 2.69
C TYR A 184 -12.74 12.01 1.42
C TYR A 184 -12.71 11.71 1.24
C TYR A 184 -12.76 11.80 1.26
N GLU A 185 -12.71 13.33 1.39
N GLU A 185 -12.43 12.97 1.00
N GLU A 185 -12.49 13.07 1.08
CA GLU A 185 -12.70 14.07 0.16
CA GLU A 185 -12.24 13.39 -0.37
CA GLU A 185 -12.26 13.53 -0.26
C GLU A 185 -11.26 14.30 -0.30
C GLU A 185 -11.01 14.26 -0.54
C GLU A 185 -11.05 14.41 -0.39
N GLY A 186 -10.96 13.79 -1.49
N GLY A 186 -10.34 14.08 -1.66
N GLY A 186 -10.24 14.13 -1.39
CA GLY A 186 -9.59 13.82 -1.96
CA GLY A 186 -9.28 14.97 -2.05
CA GLY A 186 -9.09 14.97 -1.66
C GLY A 186 -9.06 15.20 -2.26
C GLY A 186 -7.89 14.37 -1.84
C GLY A 186 -7.74 14.27 -1.55
N GLY A 187 -7.75 15.35 -2.11
N GLY A 187 -6.91 15.23 -2.01
N GLY A 187 -6.70 15.01 -1.91
CA GLY A 187 -7.04 16.57 -2.33
CA GLY A 187 -5.52 14.79 -1.84
CA GLY A 187 -5.35 14.47 -1.93
C GLY A 187 -6.04 16.34 -3.45
C GLY A 187 -4.68 15.02 -3.08
C GLY A 187 -4.59 15.10 -3.08
N GLY A 188 -5.08 17.25 -3.57
N GLY A 188 -5.28 15.49 -4.17
N GLY A 188 -3.31 14.75 -3.20
CA GLY A 188 -4.01 17.13 -4.55
CA GLY A 188 -4.48 15.72 -5.38
CA GLY A 188 -2.48 15.34 -4.23
C GLY A 188 -3.38 15.77 -4.48
C GLY A 188 -4.38 14.50 -6.30
C GLY A 188 -2.62 14.68 -5.59
N ALA A 189 -3.03 15.22 -5.62
N ALA A 189 -3.25 14.38 -7.00
N ALA A 189 -3.27 13.53 -5.63
CA ALA A 189 -2.59 13.83 -5.75
CA ALA A 189 -3.16 13.43 -8.11
CA ALA A 189 -3.43 12.81 -6.89
C ALA A 189 -1.43 13.74 -6.71
C ALA A 189 -1.74 12.91 -8.27
C ALA A 189 -2.07 12.62 -7.55
N ASN A 190 -0.56 12.77 -6.47
N ASN A 190 -1.02 12.73 -7.18
N ASN A 190 -1.09 12.23 -6.76
CA ASN A 190 0.58 12.49 -7.28
CA ASN A 190 0.36 12.32 -7.32
CA ASN A 190 0.29 12.09 -7.22
C ASN A 190 0.75 10.99 -7.45
C ASN A 190 0.59 10.83 -7.60
C ASN A 190 0.62 10.62 -7.54
N ASN A 191 1.54 10.63 -8.45
N ASN A 191 1.47 10.54 -8.55
N ASN A 191 1.48 10.42 -8.54
CA ASN A 191 1.86 9.25 -8.77
CA ASN A 191 1.86 9.15 -8.89
CA ASN A 191 1.88 9.06 -8.96
C ASN A 191 3.34 9.00 -8.92
C ASN A 191 3.34 8.97 -9.00
C ASN A 191 3.37 8.89 -9.07
N VAL A 192 4.12 9.79 -8.32
CA VAL A 192 5.53 9.56 -8.20
C VAL A 192 5.82 9.37 -6.74
N PHE A 193 6.55 8.32 -6.41
CA PHE A 193 6.83 8.00 -5.02
C PHE A 193 7.94 8.95 -4.53
N THR A 194 7.61 9.78 -3.54
CA THR A 194 8.56 10.75 -2.98
C THR A 194 8.33 10.77 -1.46
N ASN A 195 9.08 11.62 -0.77
CA ASN A 195 8.90 11.89 0.66
C ASN A 195 8.00 13.10 0.94
N GLU A 196 7.16 13.48 -0.04
CA GLU A 196 6.38 14.69 0.09
C GLU A 196 5.23 14.58 1.12
N PHE A 197 4.89 13.37 1.54
CA PHE A 197 3.94 13.20 2.64
C PHE A 197 4.44 13.95 3.87
N TYR A 198 5.74 13.79 4.19
CA TYR A 198 6.26 14.39 5.40
C TYR A 198 6.48 15.88 5.26
N LEU A 199 6.96 16.31 4.08
CA LEU A 199 7.16 17.71 3.80
C LEU A 199 5.81 18.45 3.91
N ASN A 200 4.77 17.86 3.35
CA ASN A 200 3.43 18.44 3.40
C ASN A 200 2.90 18.52 4.82
N LEU A 201 3.06 17.45 5.59
CA LEU A 201 2.65 17.49 6.98
C LEU A 201 3.29 18.67 7.71
N LEU A 202 4.59 18.87 7.52
CA LEU A 202 5.28 19.87 8.29
C LEU A 202 5.07 21.30 7.74
N ASN A 203 4.98 21.44 6.43
CA ASN A 203 5.03 22.74 5.76
C ASN A 203 3.65 23.39 5.48
N GLU A 204 2.61 22.61 5.34
CA GLU A 204 1.32 23.19 5.01
C GLU A 204 0.68 23.77 6.26
N ASP A 205 -0.26 24.66 6.02
CA ASP A 205 -1.09 25.24 7.06
C ASP A 205 -2.38 24.45 7.01
N TRP A 206 -2.55 23.55 7.98
CA TRP A 206 -3.65 22.61 7.98
C TRP A 206 -4.78 23.14 8.83
N LYS A 207 -6.01 22.94 8.36
CA LYS A 207 -7.22 23.27 9.12
C LYS A 207 -8.08 22.02 9.21
N LEU A 208 -8.51 21.65 10.43
CA LEU A 208 -9.40 20.53 10.68
C LEU A 208 -10.82 20.94 10.35
N GLU A 209 -11.42 20.24 9.41
CA GLU A 209 -12.79 20.53 8.92
C GLU A 209 -13.62 19.29 8.77
N LYS A 210 -14.93 19.46 8.76
N LYS A 210 -14.93 19.45 8.77
CA LYS A 210 -15.81 18.36 8.37
CA LYS A 210 -15.81 18.37 8.37
C LYS A 210 -15.98 18.37 6.86
C LYS A 210 -15.96 18.38 6.85
N ASN A 211 -16.00 17.20 6.25
CA ASN A 211 -16.22 17.10 4.81
C ASN A 211 -17.70 16.83 4.46
N ASP A 212 -18.00 16.68 3.18
CA ASP A 212 -19.37 16.46 2.73
C ASP A 212 -20.01 15.16 3.27
N ALA A 213 -19.18 14.21 3.68
CA ALA A 213 -19.68 12.99 4.31
C ALA A 213 -19.67 13.10 5.83
N ASN A 214 -19.38 14.30 6.32
CA ASN A 214 -19.41 14.62 7.74
C ASN A 214 -18.35 13.92 8.56
N ASN A 215 -17.25 13.59 7.88
CA ASN A 215 -16.07 13.11 8.57
C ASN A 215 -15.08 14.22 8.73
N GLU A 216 -14.28 14.10 9.80
N GLU A 216 -14.28 14.15 9.79
CA GLU A 216 -13.20 15.02 10.10
CA GLU A 216 -13.25 15.13 10.04
C GLU A 216 -12.00 14.76 9.18
C GLU A 216 -11.99 14.80 9.23
N GLN A 217 -11.45 15.80 8.56
CA GLN A 217 -10.17 15.70 7.86
C GLN A 217 -9.47 17.02 7.88
N TRP A 218 -8.15 16.97 7.66
CA TRP A 218 -7.34 18.14 7.69
C TRP A 218 -7.09 18.60 6.26
N ASP A 219 -7.34 19.89 6.02
CA ASP A 219 -7.29 20.47 4.68
C ASP A 219 -6.31 21.63 4.64
N SER A 220 -5.54 21.75 3.57
CA SER A 220 -4.67 22.90 3.38
C SER A 220 -5.21 23.85 2.31
N LYS A 221 -4.91 25.14 2.47
CA LYS A 221 -5.21 26.16 1.44
C LYS A 221 -4.72 25.79 0.04
N SER A 222 -3.60 25.07 -0.04
CA SER A 222 -3.08 24.57 -1.32
C SER A 222 -3.87 23.40 -1.88
N GLY A 223 -4.78 22.85 -1.09
CA GLY A 223 -5.66 21.77 -1.56
C GLY A 223 -5.20 20.36 -1.26
N TYR A 224 -4.23 20.18 -0.37
CA TYR A 224 -3.84 18.84 0.09
C TYR A 224 -4.73 18.49 1.25
N MET A 225 -4.81 17.20 1.58
CA MET A 225 -5.58 16.75 2.73
C MET A 225 -4.79 15.73 3.48
N MET A 226 -5.15 15.55 4.75
CA MET A 226 -4.55 14.53 5.59
C MET A 226 -5.66 13.95 6.39
N LEU A 227 -5.66 12.62 6.52
CA LEU A 227 -6.54 11.89 7.45
C LEU A 227 -6.20 12.22 8.89
N PRO A 228 -7.18 12.09 9.82
CA PRO A 228 -6.86 12.23 11.24
C PRO A 228 -5.68 11.30 11.65
N THR A 229 -5.62 10.08 11.12
CA THR A 229 -4.49 9.17 11.42
C THR A 229 -3.19 9.65 10.80
N ASP A 230 -3.25 10.33 9.67
CA ASP A 230 -2.06 10.95 9.07
C ASP A 230 -1.49 12.07 9.97
N TYR A 231 -2.41 12.94 10.37
CA TYR A 231 -2.03 14.11 11.16
C TYR A 231 -1.58 13.71 12.57
N SER A 232 -2.00 12.54 13.05
CA SER A 232 -1.56 12.07 14.36
C SER A 232 -0.04 11.93 14.39
N LEU A 233 0.59 11.79 13.22
CA LEU A 233 2.07 11.61 13.15
C LEU A 233 2.87 12.86 13.49
N ILE A 234 2.20 14.01 13.50
CA ILE A 234 2.77 15.26 13.99
C ILE A 234 2.19 15.73 15.33
N GLN A 235 1.13 15.06 15.80
CA GLN A 235 0.58 15.32 17.14
C GLN A 235 1.37 14.61 18.24
N ASP A 236 1.88 13.43 17.92
CA ASP A 236 2.59 12.58 18.85
C ASP A 236 4.07 12.93 18.73
N PRO A 237 4.76 13.15 19.88
CA PRO A 237 6.15 13.61 19.78
C PRO A 237 7.13 12.59 19.22
N LYS A 238 6.88 11.31 19.44
CA LYS A 238 7.78 10.26 18.92
C LYS A 238 7.65 10.16 17.40
N TYR A 239 6.41 10.15 16.95
CA TYR A 239 6.15 10.14 15.51
C TYR A 239 6.67 11.39 14.84
N LEU A 240 6.57 12.54 15.50
CA LEU A 240 6.98 13.81 14.91
C LEU A 240 8.46 13.84 14.56
N SER A 241 9.28 13.34 15.48
N SER A 241 9.31 13.33 15.45
CA SER A 241 10.72 13.24 15.26
CA SER A 241 10.76 13.30 15.20
C SER A 241 11.01 12.52 13.94
C SER A 241 11.14 12.42 13.98
N ILE A 242 10.35 11.38 13.72
CA ILE A 242 10.63 10.53 12.57
C ILE A 242 10.06 11.21 11.28
N VAL A 243 8.89 11.80 11.37
CA VAL A 243 8.37 12.69 10.30
C VAL A 243 9.42 13.73 9.86
N LYS A 244 10.00 14.45 10.83
CA LYS A 244 11.06 15.41 10.57
C LYS A 244 12.29 14.77 9.92
N GLU A 245 12.65 13.57 10.35
CA GLU A 245 13.81 12.88 9.80
C GLU A 245 13.59 12.52 8.31
N TYR A 246 12.41 11.99 7.99
CA TYR A 246 12.09 11.60 6.60
C TYR A 246 11.85 12.83 5.69
N ALA A 247 11.36 13.93 6.27
CA ALA A 247 11.18 15.17 5.50
C ALA A 247 12.50 15.70 5.08
N ASN A 248 13.52 15.35 5.84
CA ASN A 248 14.83 15.90 5.63
C ASN A 248 15.85 14.92 5.13
N ASP A 249 15.41 13.71 4.82
CA ASP A 249 16.31 12.68 4.33
C ASP A 249 15.57 11.66 3.45
N GLN A 250 15.51 11.98 2.17
CA GLN A 250 14.83 11.17 1.18
C GLN A 250 15.39 9.78 1.06
N ASP A 251 16.72 9.63 1.09
CA ASP A 251 17.34 8.36 0.97
C ASP A 251 17.00 7.46 2.17
N LYS A 252 17.04 8.02 3.37
N LYS A 252 17.04 8.02 3.38
CA LYS A 252 16.69 7.29 4.59
CA LYS A 252 16.70 7.25 4.58
C LYS A 252 15.23 6.85 4.53
C LYS A 252 15.22 6.84 4.52
N PHE A 253 14.36 7.73 4.04
CA PHE A 253 12.96 7.40 3.93
C PHE A 253 12.80 6.21 2.94
N PHE A 254 13.45 6.30 1.78
CA PHE A 254 13.39 5.21 0.78
C PHE A 254 13.84 3.87 1.34
N LYS A 255 15.00 3.85 2.01
CA LYS A 255 15.50 2.63 2.57
C LYS A 255 14.62 2.04 3.67
N ASP A 256 14.11 2.89 4.56
CA ASP A 256 13.28 2.43 5.67
C ASP A 256 11.93 1.95 5.15
N PHE A 257 11.38 2.66 4.17
CA PHE A 257 10.12 2.23 3.56
C PHE A 257 10.29 0.87 2.91
N SER A 258 11.40 0.66 2.17
CA SER A 258 11.66 -0.60 1.49
C SER A 258 11.62 -1.77 2.49
N LYS A 259 12.34 -1.61 3.58
CA LYS A 259 12.40 -2.61 4.66
C LYS A 259 11.00 -2.87 5.27
N ALA A 260 10.30 -1.80 5.61
CA ALA A 260 9.00 -1.92 6.30
C ALA A 260 7.96 -2.51 5.34
N PHE A 261 8.02 -2.11 4.06
CA PHE A 261 7.02 -2.60 3.08
C PHE A 261 7.24 -4.07 2.76
N GLU A 262 8.51 -4.48 2.59
CA GLU A 262 8.79 -5.90 2.45
C GLU A 262 8.31 -6.69 3.66
N LYS A 263 8.55 -6.15 4.84
CA LYS A 263 8.21 -6.86 6.08
C LYS A 263 6.68 -7.02 6.14
N LEU A 264 6.00 -5.94 5.80
CA LEU A 264 4.53 -5.92 5.75
C LEU A 264 4.00 -7.05 4.85
N LEU A 265 4.56 -7.14 3.64
N LEU A 265 4.55 -7.16 3.65
CA LEU A 265 4.21 -8.13 2.63
CA LEU A 265 4.12 -8.14 2.68
C LEU A 265 4.53 -9.55 3.03
C LEU A 265 4.53 -9.56 3.02
N GLU A 266 5.46 -9.71 3.98
CA GLU A 266 5.95 -11.02 4.36
C GLU A 266 5.46 -11.50 5.70
N ASN A 267 4.83 -10.62 6.48
CA ASN A 267 4.31 -11.00 7.79
C ASN A 267 3.45 -12.25 7.67
N GLY A 268 3.67 -13.19 8.60
CA GLY A 268 2.96 -14.46 8.64
C GLY A 268 3.53 -15.57 7.78
N ILE A 269 4.55 -15.28 6.97
CA ILE A 269 5.15 -16.30 6.12
C ILE A 269 6.40 -16.87 6.78
N THR A 270 6.48 -18.20 6.87
CA THR A 270 7.73 -18.87 7.31
C THR A 270 8.54 -19.27 6.11
N PHE A 271 9.75 -18.74 5.98
CA PHE A 271 10.56 -19.04 4.84
C PHE A 271 11.53 -20.09 5.29
N PRO A 272 11.57 -21.23 4.58
CA PRO A 272 12.50 -22.24 5.01
C PRO A 272 13.96 -21.83 4.68
N LYS A 273 14.90 -22.48 5.37
CA LYS A 273 16.32 -22.12 5.24
C LYS A 273 16.83 -22.27 3.80
N ASP A 274 16.29 -23.23 3.08
CA ASP A 274 16.60 -23.45 1.65
C ASP A 274 15.72 -22.63 0.68
N ALA A 275 15.01 -21.63 1.18
CA ALA A 275 14.23 -20.77 0.29
C ALA A 275 15.17 -19.92 -0.55
N PRO A 276 14.74 -19.54 -1.76
CA PRO A 276 15.60 -18.62 -2.49
C PRO A 276 15.73 -17.26 -1.76
N SER A 277 16.84 -16.56 -2.06
CA SER A 277 17.03 -15.19 -1.64
C SER A 277 15.92 -14.31 -2.22
N PRO A 278 15.63 -13.16 -1.57
CA PRO A 278 14.65 -12.23 -2.19
C PRO A 278 15.14 -11.77 -3.55
N PHE A 279 14.19 -11.51 -4.44
CA PHE A 279 14.46 -11.01 -5.76
C PHE A 279 14.41 -9.47 -5.71
N ILE A 280 15.27 -8.80 -6.45
CA ILE A 280 15.17 -7.37 -6.72
C ILE A 280 14.94 -7.23 -8.21
N PHE A 281 13.72 -6.85 -8.56
CA PHE A 281 13.34 -6.75 -9.93
C PHE A 281 13.88 -5.49 -10.59
N LYS A 282 14.20 -5.63 -11.86
N LYS A 282 14.23 -5.63 -11.85
CA LYS A 282 14.62 -4.49 -12.66
CA LYS A 282 14.62 -4.48 -12.66
C LYS A 282 13.37 -3.74 -13.10
C LYS A 282 13.36 -3.74 -13.08
N THR A 283 13.42 -2.40 -13.10
CA THR A 283 12.31 -1.60 -13.65
C THR A 283 12.27 -1.73 -15.19
N LEU A 284 11.15 -1.36 -15.82
CA LEU A 284 11.12 -1.26 -17.29
C LEU A 284 12.24 -0.37 -17.78
N GLU A 285 12.42 0.75 -17.09
CA GLU A 285 13.46 1.71 -17.42
C GLU A 285 14.85 1.11 -17.39
N GLU A 286 15.17 0.32 -16.38
CA GLU A 286 16.49 -0.33 -16.30
C GLU A 286 16.69 -1.41 -17.37
N GLN A 287 15.61 -1.93 -17.91
CA GLN A 287 15.69 -2.96 -18.97
C GLN A 287 15.66 -2.31 -20.36
N GLY A 288 15.50 -0.99 -20.41
CA GLY A 288 15.32 -0.28 -21.68
C GLY A 288 14.02 -0.63 -22.39
N LEU A 289 12.99 -0.94 -21.61
CA LEU A 289 11.69 -1.34 -22.15
C LEU A 289 10.70 -0.22 -21.99
CHA HEM B . -5.68 5.52 0.57
CHB HEM B . -6.53 5.02 5.29
CHC HEM B . -2.13 3.05 5.87
CHD HEM B . -1.46 3.16 1.12
C1A HEM B . -6.29 5.53 1.77
C2A HEM B . -7.66 5.97 2.03
C3A HEM B . -7.88 5.85 3.35
C4A HEM B . -6.67 5.32 3.96
CMA HEM B . -9.16 6.16 4.16
CAA HEM B . -8.53 6.51 0.90
CBA HEM B . -9.18 5.34 0.17
CGA HEM B . -10.14 5.89 -0.87
O1A HEM B . -10.90 6.83 -0.53
O2A HEM B . -10.14 5.40 -2.03
C1B HEM B . -5.40 4.46 5.86
C2B HEM B . -5.21 4.26 7.27
C3B HEM B . -3.98 3.74 7.44
C4B HEM B . -3.37 3.57 6.13
CMB HEM B . -6.21 4.60 8.40
CAB HEM B . -3.33 3.32 8.75
CBB HEM B . -3.51 4.03 9.84
C1C HEM B . -1.61 2.82 4.63
C2C HEM B . -0.42 2.07 4.35
C3C HEM B . -0.20 2.10 3.02
C4C HEM B . -1.29 2.85 2.43
CMC HEM B . 0.39 1.38 5.48
CAC HEM B . 0.90 1.38 2.21
CBC HEM B . 2.19 1.34 2.58
C1D HEM B . -2.47 3.87 0.56
C2D HEM B . -2.46 4.34 -0.79
C3D HEM B . -3.80 5.05 -0.97
C4D HEM B . -4.43 5.00 0.31
CMD HEM B . -1.39 4.10 -1.85
CAD HEM B . -4.30 5.76 -2.23
CBD HEM B . -5.08 4.75 -3.07
CGD HEM B . -5.73 5.35 -4.30
O1D HEM B . -5.29 6.43 -4.75
O2D HEM B . -6.65 4.68 -4.84
NA HEM B . -5.79 5.08 2.96
NB HEM B . -4.25 4.05 5.18
NC HEM B . -2.07 3.31 3.44
ND HEM B . -3.64 4.29 1.21
FE HEM B . -3.91 4.20 3.21
CAA 2N9 C . 0.64 14.52 -1.16
CAD 2N9 C . -4.63 8.96 1.61
CAE 2N9 C . -4.42 9.11 0.24
CAF 2N9 C . -4.15 9.92 2.50
CAG 2N9 C . -3.72 10.21 -0.25
CAH 2N9 C . -2.27 13.07 2.41
CAI 2N9 C . 0.89 14.03 0.27
CAL 2N9 C . -1.35 14.33 0.57
CAM 2N9 C . -2.54 12.27 0.19
CAN 2N9 C . -2.05 13.23 1.05
CAO 2N9 C . -3.45 11.02 2.01
CAP 2N9 C . -3.24 11.16 0.65
NAB 2N9 C . -2.34 12.40 -1.12
NAJ 2N9 C . -2.97 11.94 2.86
OAC 2N9 C . -1.83 15.05 -0.31
OAK 2N9 C . -0.13 14.53 1.13
P PO4 D . 7.49 -1.98 20.01
O1 PO4 D . 7.05 -1.25 21.28
O2 PO4 D . 8.95 -1.65 19.73
O3 PO4 D . 6.61 -1.49 18.90
O4 PO4 D . 7.28 -3.43 20.16
P PO4 E . -9.92 19.41 -0.03
O1 PO4 E . -11.07 19.64 0.93
O2 PO4 E . -8.64 19.24 0.75
O3 PO4 E . -9.77 20.56 -0.98
O4 PO4 E . -10.21 18.14 -0.81
O1 MES F . -5.00 9.27 1.04
C2 MES F . -3.77 8.93 0.41
C3 MES F . -3.15 10.09 -0.32
N4 MES F . -3.09 11.30 0.48
C5 MES F . -4.25 11.55 1.37
C6 MES F . -4.83 10.29 2.00
C7 MES F . -2.36 12.40 -0.13
C8 MES F . -1.78 13.46 0.80
S MES F . -1.30 14.86 -0.01
O1S MES F . -0.61 15.73 0.91
O2S MES F . -2.65 15.46 -0.38
O3S MES F . -0.64 14.58 -1.25
#